data_5MTG
#
_entry.id   5MTG
#
_entity_poly.entity_id   1
_entity_poly.type   'polydeoxyribonucleotide'
_entity_poly.pdbx_seq_one_letter_code
;(DC)(DA)(DG)(DG)(DG)(DT)(DT)(DA)(DA)(DG)(DG)(DG)(DT)(DA)(DT)(DA)(DA)(DC)(DT)(DT)
(DT)(DA)(DG)(DG)(DG)(DG)(DT)(DT)(DA)(DG)(DG)(DG)(DT)(DT)
;
_entity_poly.pdbx_strand_id   A
#
loop_
_chem_comp.id
_chem_comp.type
_chem_comp.name
_chem_comp.formula
DA DNA linking 2'-DEOXYADENOSINE-5'-MONOPHOSPHATE 'C10 H14 N5 O6 P'
DC DNA linking 2'-DEOXYCYTIDINE-5'-MONOPHOSPHATE 'C9 H14 N3 O7 P'
DG DNA linking 2'-DEOXYGUANOSINE-5'-MONOPHOSPHATE 'C10 H14 N5 O7 P'
DT DNA linking THYMIDINE-5'-MONOPHOSPHATE 'C10 H15 N2 O8 P'
#